data_339D
# 
_entry.id   339D 
# 
_audit_conform.dict_name       mmcif_pdbx.dic 
_audit_conform.dict_version    5.387 
_audit_conform.dict_location   http://mmcif.pdb.org/dictionaries/ascii/mmcif_pdbx.dic 
# 
loop_
_database_2.database_id 
_database_2.database_code 
_database_2.pdbx_database_accession 
_database_2.pdbx_DOI 
PDB   339D         pdb_0000339d 10.2210/pdb339d/pdb 
RCSB  ADHB93       ?            ?                   
WWPDB D_1000178808 ?            ?                   
# 
loop_
_pdbx_audit_revision_history.ordinal 
_pdbx_audit_revision_history.data_content_type 
_pdbx_audit_revision_history.major_revision 
_pdbx_audit_revision_history.minor_revision 
_pdbx_audit_revision_history.revision_date 
1 'Structure model' 1 0 1997-07-21 
2 'Structure model' 1 1 2008-05-22 
3 'Structure model' 1 2 2011-07-13 
4 'Structure model' 2 0 2024-02-21 
# 
_pdbx_audit_revision_details.ordinal             1 
_pdbx_audit_revision_details.revision_ordinal    1 
_pdbx_audit_revision_details.data_content_type   'Structure model' 
_pdbx_audit_revision_details.provider            repository 
_pdbx_audit_revision_details.type                'Initial release' 
_pdbx_audit_revision_details.description         ? 
_pdbx_audit_revision_details.details             ? 
# 
loop_
_pdbx_audit_revision_group.ordinal 
_pdbx_audit_revision_group.revision_ordinal 
_pdbx_audit_revision_group.data_content_type 
_pdbx_audit_revision_group.group 
1 2 'Structure model' 'Version format compliance' 
2 3 'Structure model' 'Version format compliance' 
3 4 'Structure model' 'Atomic model'              
4 4 'Structure model' 'Data collection'           
5 4 'Structure model' 'Database references'       
6 4 'Structure model' 'Derived calculations'      
# 
loop_
_pdbx_audit_revision_category.ordinal 
_pdbx_audit_revision_category.revision_ordinal 
_pdbx_audit_revision_category.data_content_type 
_pdbx_audit_revision_category.category 
1 4 'Structure model' atom_site      
2 4 'Structure model' chem_comp_atom 
3 4 'Structure model' chem_comp_bond 
4 4 'Structure model' database_2     
5 4 'Structure model' struct_conn    
# 
loop_
_pdbx_audit_revision_item.ordinal 
_pdbx_audit_revision_item.revision_ordinal 
_pdbx_audit_revision_item.data_content_type 
_pdbx_audit_revision_item.item 
1 4 'Structure model' '_atom_site.occupancy'                
2 4 'Structure model' '_database_2.pdbx_DOI'                
3 4 'Structure model' '_database_2.pdbx_database_accession' 
4 4 'Structure model' '_struct_conn.pdbx_leaving_atom_flag' 
# 
_pdbx_database_status.status_code                     REL 
_pdbx_database_status.entry_id                        339D 
_pdbx_database_status.recvd_initial_deposition_date   1997-06-26 
_pdbx_database_status.deposit_site                    NDB 
_pdbx_database_status.process_site                    NDB 
_pdbx_database_status.status_code_sf                  REL 
_pdbx_database_status.status_code_mr                  ? 
_pdbx_database_status.SG_entry                        ? 
_pdbx_database_status.pdb_format_compatible           Y 
_pdbx_database_status.status_code_cs                  ? 
_pdbx_database_status.status_code_nmr_data            ? 
_pdbx_database_status.methods_development_category    ? 
# 
loop_
_audit_author.name 
_audit_author.pdbx_ordinal 
'Mooers, B.H.M.' 1 
'Eichman, B.F.'  2 
'Ho, P.S.'       3 
# 
_citation.id                        primary 
_citation.title                     'Structural Parameters from Single-Crystal Structures for Accurate Models of A-DNA' 
_citation.journal_abbrev            'To be Published' 
_citation.journal_volume            ? 
_citation.page_first                ? 
_citation.page_last                 ? 
_citation.year                      ? 
_citation.journal_id_ASTM           ? 
_citation.country                   ? 
_citation.journal_id_ISSN           ? 
_citation.journal_id_CSD            0353 
_citation.book_publisher            ? 
_citation.pdbx_database_id_PubMed   ? 
_citation.pdbx_database_id_DOI      ? 
# 
loop_
_citation_author.citation_id 
_citation_author.name 
_citation_author.ordinal 
_citation_author.identifier_ORCID 
primary 'Mooers, B.H.M.' 1 ? 
primary 'Eichman, B.F.'  2 ? 
primary 'Ho, P.S.'       3 ? 
# 
loop_
_entity.id 
_entity.type 
_entity.src_method 
_entity.pdbx_description 
_entity.formula_weight 
_entity.pdbx_number_of_molecules 
_entity.pdbx_ec 
_entity.pdbx_mutation 
_entity.pdbx_fragment 
_entity.details 
1 polymer syn 
;DNA (5'-D(*GP*(5CM)P*GP*CP*GP*(5CM)P*GP*C)-3')
;
2456.647 1  ? ? ? ? 
2 water   nat water                                            18.015   15 ? ? ? ? 
# 
_entity_poly.entity_id                      1 
_entity_poly.type                           polydeoxyribonucleotide 
_entity_poly.nstd_linkage                   no 
_entity_poly.nstd_monomer                   yes 
_entity_poly.pdbx_seq_one_letter_code       '(DG)(5CM)(DG)(DC)(DG)(5CM)(DG)(DC)' 
_entity_poly.pdbx_seq_one_letter_code_can   GCGCGCGC 
_entity_poly.pdbx_strand_id                 A 
_entity_poly.pdbx_target_identifier         ? 
# 
_pdbx_entity_nonpoly.entity_id   2 
_pdbx_entity_nonpoly.name        water 
_pdbx_entity_nonpoly.comp_id     HOH 
# 
loop_
_entity_poly_seq.entity_id 
_entity_poly_seq.num 
_entity_poly_seq.mon_id 
_entity_poly_seq.hetero 
1 1 DG  n 
1 2 5CM n 
1 3 DG  n 
1 4 DC  n 
1 5 DG  n 
1 6 5CM n 
1 7 DG  n 
1 8 DC  n 
# 
loop_
_chem_comp.id 
_chem_comp.type 
_chem_comp.mon_nstd_flag 
_chem_comp.name 
_chem_comp.pdbx_synonyms 
_chem_comp.formula 
_chem_comp.formula_weight 
5CM 'DNA linking' n "5-METHYL-2'-DEOXY-CYTIDINE-5'-MONOPHOSPHATE" ? 'C10 H16 N3 O7 P' 321.224 
DC  'DNA linking' y "2'-DEOXYCYTIDINE-5'-MONOPHOSPHATE"           ? 'C9 H14 N3 O7 P'  307.197 
DG  'DNA linking' y "2'-DEOXYGUANOSINE-5'-MONOPHOSPHATE"          ? 'C10 H14 N5 O7 P' 347.221 
HOH non-polymer   . WATER                                         ? 'H2 O'            18.015  
# 
loop_
_pdbx_poly_seq_scheme.asym_id 
_pdbx_poly_seq_scheme.entity_id 
_pdbx_poly_seq_scheme.seq_id 
_pdbx_poly_seq_scheme.mon_id 
_pdbx_poly_seq_scheme.ndb_seq_num 
_pdbx_poly_seq_scheme.pdb_seq_num 
_pdbx_poly_seq_scheme.auth_seq_num 
_pdbx_poly_seq_scheme.pdb_mon_id 
_pdbx_poly_seq_scheme.auth_mon_id 
_pdbx_poly_seq_scheme.pdb_strand_id 
_pdbx_poly_seq_scheme.pdb_ins_code 
_pdbx_poly_seq_scheme.hetero 
A 1 1 DG  1 1 1 DG  G  A . n 
A 1 2 5CM 2 2 2 5CM +C A . n 
A 1 3 DG  3 3 3 DG  G  A . n 
A 1 4 DC  4 4 4 DC  C  A . n 
A 1 5 DG  5 5 5 DG  G  A . n 
A 1 6 5CM 6 6 6 5CM +C A . n 
A 1 7 DG  7 7 7 DG  G  A . n 
A 1 8 DC  8 8 8 DC  C  A . n 
# 
loop_
_pdbx_nonpoly_scheme.asym_id 
_pdbx_nonpoly_scheme.entity_id 
_pdbx_nonpoly_scheme.mon_id 
_pdbx_nonpoly_scheme.ndb_seq_num 
_pdbx_nonpoly_scheme.pdb_seq_num 
_pdbx_nonpoly_scheme.auth_seq_num 
_pdbx_nonpoly_scheme.pdb_mon_id 
_pdbx_nonpoly_scheme.auth_mon_id 
_pdbx_nonpoly_scheme.pdb_strand_id 
_pdbx_nonpoly_scheme.pdb_ins_code 
B 2 HOH 1  9  9  HOH HOH A . 
B 2 HOH 2  10 10 HOH HOH A . 
B 2 HOH 3  11 11 HOH HOH A . 
B 2 HOH 4  12 12 HOH HOH A . 
B 2 HOH 5  13 13 HOH HOH A . 
B 2 HOH 6  14 14 HOH HOH A . 
B 2 HOH 7  15 15 HOH HOH A . 
B 2 HOH 8  16 16 HOH HOH A . 
B 2 HOH 9  17 17 HOH HOH A . 
B 2 HOH 10 18 18 HOH HOH A . 
B 2 HOH 11 19 19 HOH HOH A . 
B 2 HOH 12 20 20 HOH HOH A . 
B 2 HOH 13 21 21 HOH HOH A . 
B 2 HOH 14 22 22 HOH HOH A . 
B 2 HOH 15 23 23 HOH HOH A . 
# 
loop_
_software.name 
_software.classification 
_software.version 
_software.citation_id 
_software.pdbx_ordinal 
XTALVIEW refinement       .   ? 1 
X-PLOR   'model building' .   ? 2 
X-PLOR   refinement       3.1 ? 3 
SAINT    'data reduction' .   ? 4 
SAINT    'data scaling'   .   ? 5 
X-PLOR   phasing          .   ? 6 
# 
_cell.entry_id           339D 
_cell.length_a           43.280 
_cell.length_b           43.280 
_cell.length_c           25.280 
_cell.angle_alpha        90.00 
_cell.angle_beta         90.00 
_cell.angle_gamma        90.00 
_cell.Z_PDB              8 
_cell.pdbx_unique_axis   ? 
# 
_symmetry.entry_id                         339D 
_symmetry.space_group_name_H-M             'P 43 21 2' 
_symmetry.pdbx_full_space_group_name_H-M   ? 
_symmetry.cell_setting                     ? 
_symmetry.Int_Tables_number                96 
# 
_exptl.entry_id          339D 
_exptl.method            'X-RAY DIFFRACTION' 
_exptl.crystals_number   1 
# 
_exptl_crystal.id                    1 
_exptl_crystal.density_meas          ? 
_exptl_crystal.density_Matthews      2.41 
_exptl_crystal.density_percent_sol   48.95 
_exptl_crystal.description           ? 
# 
_exptl_crystal_grow.crystal_id      1 
_exptl_crystal_grow.method          'VAPOR DIFFUSION' 
_exptl_crystal_grow.temp            ? 
_exptl_crystal_grow.temp_details    ? 
_exptl_crystal_grow.pH              7.00 
_exptl_crystal_grow.pdbx_details    'pH 7.00, VAPOR DIFFUSION' 
_exptl_crystal_grow.pdbx_pH_range   ? 
# 
_exptl_crystal_grow_comp.crystal_id   1 
_exptl_crystal_grow_comp.id           1 
_exptl_crystal_grow_comp.sol_id       1 
_exptl_crystal_grow_comp.name         WATER 
_exptl_crystal_grow_comp.volume       ? 
_exptl_crystal_grow_comp.conc         ? 
_exptl_crystal_grow_comp.details      ? 
# 
_diffrn.id                     1 
_diffrn.ambient_temp           298.00 
_diffrn.ambient_temp_details   ? 
_diffrn.crystal_id             1 
# 
_diffrn_detector.diffrn_id              1 
_diffrn_detector.detector               'AREA DETECTOR' 
_diffrn_detector.type                   'SIEMENS HI-STAR' 
_diffrn_detector.pdbx_collection_date   1995-08-25 
_diffrn_detector.details                ? 
# 
_diffrn_radiation.diffrn_id                        1 
_diffrn_radiation.wavelength_id                    1 
_diffrn_radiation.pdbx_monochromatic_or_laue_m_l   M 
_diffrn_radiation.monochromator                    ? 
_diffrn_radiation.pdbx_diffrn_protocol             ? 
_diffrn_radiation.pdbx_scattering_type             x-ray 
# 
_diffrn_radiation_wavelength.id           1 
_diffrn_radiation_wavelength.wavelength   . 
_diffrn_radiation_wavelength.wt           1.0 
# 
_diffrn_source.diffrn_id                   1 
_diffrn_source.source                      ? 
_diffrn_source.type                        ? 
_diffrn_source.pdbx_synchrotron_site       ? 
_diffrn_source.pdbx_synchrotron_beamline   ? 
_diffrn_source.pdbx_wavelength             ? 
_diffrn_source.pdbx_wavelength_list        ? 
# 
_reflns.entry_id                     339D 
_reflns.observed_criterion_sigma_I   ? 
_reflns.observed_criterion_sigma_F   ? 
_reflns.d_resolution_low             30.600 
_reflns.d_resolution_high            2.160 
_reflns.number_obs                   1333 
_reflns.number_all                   ? 
_reflns.percent_possible_obs         76.600 
_reflns.pdbx_Rmerge_I_obs            0.037 
_reflns.pdbx_Rsym_value              ? 
_reflns.pdbx_netI_over_sigmaI        ? 
_reflns.B_iso_Wilson_estimate        ? 
_reflns.pdbx_redundancy              2.500 
_reflns.pdbx_diffrn_id               1 
_reflns.pdbx_ordinal                 1 
# 
_refine.entry_id                                 339D 
_refine.ls_number_reflns_obs                     1073 
_refine.ls_number_reflns_all                     ? 
_refine.pdbx_ls_sigma_I                          ? 
_refine.pdbx_ls_sigma_F                          3.000 
_refine.pdbx_data_cutoff_high_absF               ? 
_refine.pdbx_data_cutoff_low_absF                ? 
_refine.pdbx_data_cutoff_high_rms_absF           ? 
_refine.ls_d_res_low                             8.000 
_refine.ls_d_res_high                            2.200 
_refine.ls_percent_reflns_obs                    ? 
_refine.ls_R_factor_obs                          0.174 
_refine.ls_R_factor_all                          ? 
_refine.ls_R_factor_R_work                       0.174 
_refine.ls_R_factor_R_free                       ? 
_refine.ls_R_factor_R_free_error                 ? 
_refine.ls_R_factor_R_free_error_details         ? 
_refine.ls_percent_reflns_R_free                 ? 
_refine.ls_number_reflns_R_free                  ? 
_refine.ls_number_parameters                     ? 
_refine.ls_number_restraints                     ? 
_refine.occupancy_min                            ? 
_refine.occupancy_max                            ? 
_refine.B_iso_mean                               22.37 
_refine.aniso_B[1][1]                            ? 
_refine.aniso_B[2][2]                            ? 
_refine.aniso_B[3][3]                            ? 
_refine.aniso_B[1][2]                            ? 
_refine.aniso_B[1][3]                            ? 
_refine.aniso_B[2][3]                            ? 
_refine.solvent_model_details                    ? 
_refine.solvent_model_param_ksol                 ? 
_refine.solvent_model_param_bsol                 ? 
_refine.pdbx_ls_cross_valid_method               ? 
_refine.details                                  ? 
_refine.pdbx_starting_model                      ? 
_refine.pdbx_method_to_determine_struct          'MOLECULAR REPLACEMENT' 
_refine.pdbx_isotropic_thermal_model             ? 
_refine.pdbx_stereochemistry_target_values       ? 
_refine.pdbx_stereochem_target_val_spec_case     ? 
_refine.pdbx_R_Free_selection_details            ? 
_refine.pdbx_overall_ESU_R                       ? 
_refine.pdbx_overall_ESU_R_Free                  ? 
_refine.overall_SU_ML                            ? 
_refine.overall_SU_B                             ? 
_refine.pdbx_refine_id                           'X-RAY DIFFRACTION' 
_refine.pdbx_diffrn_id                           1 
_refine.pdbx_TLS_residual_ADP_flag               ? 
_refine.correlation_coeff_Fo_to_Fc               ? 
_refine.correlation_coeff_Fo_to_Fc_free          ? 
_refine.pdbx_solvent_vdw_probe_radii             ? 
_refine.pdbx_solvent_ion_probe_radii             ? 
_refine.pdbx_solvent_shrinkage_radii             ? 
_refine.pdbx_overall_phase_error                 ? 
_refine.overall_SU_R_Cruickshank_DPI             ? 
_refine.pdbx_overall_SU_R_free_Cruickshank_DPI   ? 
_refine.pdbx_overall_SU_R_Blow_DPI               ? 
_refine.pdbx_overall_SU_R_free_Blow_DPI          ? 
# 
_refine_hist.pdbx_refine_id                   'X-RAY DIFFRACTION' 
_refine_hist.cycle_id                         LAST 
_refine_hist.pdbx_number_atoms_protein        0 
_refine_hist.pdbx_number_atoms_nucleic_acid   161 
_refine_hist.pdbx_number_atoms_ligand         2 
_refine_hist.number_atoms_solvent             15 
_refine_hist.number_atoms_total               178 
_refine_hist.d_res_high                       2.200 
_refine_hist.d_res_low                        8.000 
# 
loop_
_refine_ls_restr.type 
_refine_ls_restr.dev_ideal 
_refine_ls_restr.dev_ideal_target 
_refine_ls_restr.weight 
_refine_ls_restr.number 
_refine_ls_restr.pdbx_refine_id 
_refine_ls_restr.pdbx_restraint_function 
x_bond_d                0.008 ? ? ? 'X-RAY DIFFRACTION' ? 
x_bond_d_na             ?     ? ? ? 'X-RAY DIFFRACTION' ? 
x_bond_d_prot           ?     ? ? ? 'X-RAY DIFFRACTION' ? 
x_angle_d               ?     ? ? ? 'X-RAY DIFFRACTION' ? 
x_angle_d_na            ?     ? ? ? 'X-RAY DIFFRACTION' ? 
x_angle_d_prot          ?     ? ? ? 'X-RAY DIFFRACTION' ? 
x_angle_deg             1.32  ? ? ? 'X-RAY DIFFRACTION' ? 
x_angle_deg_na          ?     ? ? ? 'X-RAY DIFFRACTION' ? 
x_angle_deg_prot        ?     ? ? ? 'X-RAY DIFFRACTION' ? 
x_dihedral_angle_d      ?     ? ? ? 'X-RAY DIFFRACTION' ? 
x_dihedral_angle_d_na   ?     ? ? ? 'X-RAY DIFFRACTION' ? 
x_dihedral_angle_d_prot ?     ? ? ? 'X-RAY DIFFRACTION' ? 
x_improper_angle_d      ?     ? ? ? 'X-RAY DIFFRACTION' ? 
x_improper_angle_d_na   ?     ? ? ? 'X-RAY DIFFRACTION' ? 
x_improper_angle_d_prot ?     ? ? ? 'X-RAY DIFFRACTION' ? 
x_mcbond_it             ?     ? ? ? 'X-RAY DIFFRACTION' ? 
x_mcangle_it            ?     ? ? ? 'X-RAY DIFFRACTION' ? 
x_scbond_it             ?     ? ? ? 'X-RAY DIFFRACTION' ? 
x_scangle_it            ?     ? ? ? 'X-RAY DIFFRACTION' ? 
# 
_pdbx_xplor_file.serial_no        1 
_pdbx_xplor_file.param_file       PAR.DNA 
_pdbx_xplor_file.topol_file       TOP.DNA 
_pdbx_xplor_file.pdbx_refine_id   'X-RAY DIFFRACTION' 
# 
_struct.entry_id                  339D 
_struct.title                     'STRUCTURAL PARAMETERS FROM SINGLE-CRYSTAL STRUCTURES FOR ACCURATE MODELS OF A-DNA' 
_struct.pdbx_model_details        ? 
_struct.pdbx_CASP_flag            ? 
_struct.pdbx_model_type_details   ? 
# 
_struct_keywords.entry_id        339D 
_struct_keywords.pdbx_keywords   DNA 
_struct_keywords.text            'A-DNA, DOUBLE HELIX, MODIFIED, DNA' 
# 
loop_
_struct_asym.id 
_struct_asym.pdbx_blank_PDB_chainid_flag 
_struct_asym.pdbx_modified 
_struct_asym.entity_id 
_struct_asym.details 
A N N 1 ? 
B N N 2 ? 
# 
_struct_ref.id                         1 
_struct_ref.entity_id                  1 
_struct_ref.db_name                    PDB 
_struct_ref.db_code                    339D 
_struct_ref.pdbx_db_accession          339D 
_struct_ref.pdbx_db_isoform            ? 
_struct_ref.pdbx_seq_one_letter_code   ? 
_struct_ref.pdbx_align_begin           ? 
# 
_struct_ref_seq.align_id                      1 
_struct_ref_seq.ref_id                        1 
_struct_ref_seq.pdbx_PDB_id_code              339D 
_struct_ref_seq.pdbx_strand_id                A 
_struct_ref_seq.seq_align_beg                 1 
_struct_ref_seq.pdbx_seq_align_beg_ins_code   ? 
_struct_ref_seq.seq_align_end                 8 
_struct_ref_seq.pdbx_seq_align_end_ins_code   ? 
_struct_ref_seq.pdbx_db_accession             339D 
_struct_ref_seq.db_align_beg                  1 
_struct_ref_seq.pdbx_db_align_beg_ins_code    ? 
_struct_ref_seq.db_align_end                  8 
_struct_ref_seq.pdbx_db_align_end_ins_code    ? 
_struct_ref_seq.pdbx_auth_seq_align_beg       1 
_struct_ref_seq.pdbx_auth_seq_align_end       8 
# 
_pdbx_struct_assembly.id                   1 
_pdbx_struct_assembly.details              author_defined_assembly 
_pdbx_struct_assembly.method_details       ? 
_pdbx_struct_assembly.oligomeric_details   dimeric 
_pdbx_struct_assembly.oligomeric_count     2 
# 
_pdbx_struct_assembly_gen.assembly_id       1 
_pdbx_struct_assembly_gen.oper_expression   1,2 
_pdbx_struct_assembly_gen.asym_id_list      A,B 
# 
loop_
_pdbx_struct_oper_list.id 
_pdbx_struct_oper_list.type 
_pdbx_struct_oper_list.name 
_pdbx_struct_oper_list.symmetry_operation 
_pdbx_struct_oper_list.matrix[1][1] 
_pdbx_struct_oper_list.matrix[1][2] 
_pdbx_struct_oper_list.matrix[1][3] 
_pdbx_struct_oper_list.vector[1] 
_pdbx_struct_oper_list.matrix[2][1] 
_pdbx_struct_oper_list.matrix[2][2] 
_pdbx_struct_oper_list.matrix[2][3] 
_pdbx_struct_oper_list.vector[2] 
_pdbx_struct_oper_list.matrix[3][1] 
_pdbx_struct_oper_list.matrix[3][2] 
_pdbx_struct_oper_list.matrix[3][3] 
_pdbx_struct_oper_list.vector[3] 
1 'identity operation'         1_555 x,y,z    1.0000000000  0.0000000000 0.0000000000 0.0000000000 0.0000000000 1.0000000000  0.0000000000 0.0000000000  0.0000000000 0.0000000000 1.0000000000 0.0000000000 
2 'crystal symmetry operation' 7_556 y,x,-z+1 -0.1703259041 0.2311877405 0.9578837691 0.7966425170 0.2311877405 -0.9355797998 0.2669132196 -4.8493117690 0.9578837691 0.2669132196 0.1059057039 0.4803795464 
# 
_struct_biol.id   1 
# 
loop_
_struct_conn.id 
_struct_conn.conn_type_id 
_struct_conn.pdbx_leaving_atom_flag 
_struct_conn.pdbx_PDB_id 
_struct_conn.ptnr1_label_asym_id 
_struct_conn.ptnr1_label_comp_id 
_struct_conn.ptnr1_label_seq_id 
_struct_conn.ptnr1_label_atom_id 
_struct_conn.pdbx_ptnr1_label_alt_id 
_struct_conn.pdbx_ptnr1_PDB_ins_code 
_struct_conn.pdbx_ptnr1_standard_comp_id 
_struct_conn.ptnr1_symmetry 
_struct_conn.ptnr2_label_asym_id 
_struct_conn.ptnr2_label_comp_id 
_struct_conn.ptnr2_label_seq_id 
_struct_conn.ptnr2_label_atom_id 
_struct_conn.pdbx_ptnr2_label_alt_id 
_struct_conn.pdbx_ptnr2_PDB_ins_code 
_struct_conn.ptnr1_auth_asym_id 
_struct_conn.ptnr1_auth_comp_id 
_struct_conn.ptnr1_auth_seq_id 
_struct_conn.ptnr2_auth_asym_id 
_struct_conn.ptnr2_auth_comp_id 
_struct_conn.ptnr2_auth_seq_id 
_struct_conn.ptnr2_symmetry 
_struct_conn.pdbx_ptnr3_label_atom_id 
_struct_conn.pdbx_ptnr3_label_seq_id 
_struct_conn.pdbx_ptnr3_label_comp_id 
_struct_conn.pdbx_ptnr3_label_asym_id 
_struct_conn.pdbx_ptnr3_label_alt_id 
_struct_conn.pdbx_ptnr3_PDB_ins_code 
_struct_conn.details 
_struct_conn.pdbx_dist_value 
_struct_conn.pdbx_value_order 
_struct_conn.pdbx_role 
covale1  covale both ? A DG  1 "O3'" ? ? ? 1_555 A 5CM 2 P  ? ? A DG  1 A 5CM 2 1_555 ? ? ? ? ? ? ?            1.600 ? ? 
covale2  covale both ? A 5CM 2 "O3'" ? ? ? 1_555 A DG  3 P  ? ? A 5CM 2 A DG  3 1_555 ? ? ? ? ? ? ?            1.608 ? ? 
covale3  covale both ? A DG  5 "O3'" ? ? ? 1_555 A 5CM 6 P  ? ? A DG  5 A 5CM 6 1_555 ? ? ? ? ? ? ?            1.595 ? ? 
covale4  covale both ? A 5CM 6 "O3'" ? ? ? 1_555 A DG  7 P  ? ? A 5CM 6 A DG  7 1_555 ? ? ? ? ? ? ?            1.604 ? ? 
hydrog1  hydrog ?    ? A DG  1 N1    ? ? ? 1_555 A DC  8 N3 ? ? A DG  1 A DC  8 7_556 ? ? ? ? ? ? WATSON-CRICK ?     ? ? 
hydrog2  hydrog ?    ? A DG  1 N2    ? ? ? 1_555 A DC  8 O2 ? ? A DG  1 A DC  8 7_556 ? ? ? ? ? ? WATSON-CRICK ?     ? ? 
hydrog3  hydrog ?    ? A DG  1 O6    ? ? ? 1_555 A DC  8 N4 ? ? A DG  1 A DC  8 7_556 ? ? ? ? ? ? WATSON-CRICK ?     ? ? 
hydrog4  hydrog ?    ? A 5CM 2 N3    ? ? ? 1_555 A DG  7 N1 ? ? A 5CM 2 A DG  7 7_556 ? ? ? ? ? ? WATSON-CRICK ?     ? ? 
hydrog5  hydrog ?    ? A 5CM 2 N4    ? ? ? 1_555 A DG  7 O6 ? ? A 5CM 2 A DG  7 7_556 ? ? ? ? ? ? WATSON-CRICK ?     ? ? 
hydrog6  hydrog ?    ? A 5CM 2 O2    ? ? ? 1_555 A DG  7 N2 ? ? A 5CM 2 A DG  7 7_556 ? ? ? ? ? ? WATSON-CRICK ?     ? ? 
hydrog7  hydrog ?    ? A DG  3 N1    ? ? ? 1_555 A 5CM 6 N3 ? ? A DG  3 A 5CM 6 7_556 ? ? ? ? ? ? WATSON-CRICK ?     ? ? 
hydrog8  hydrog ?    ? A DG  3 N2    ? ? ? 1_555 A 5CM 6 O2 ? ? A DG  3 A 5CM 6 7_556 ? ? ? ? ? ? WATSON-CRICK ?     ? ? 
hydrog9  hydrog ?    ? A DG  3 O6    ? ? ? 1_555 A 5CM 6 N4 ? ? A DG  3 A 5CM 6 7_556 ? ? ? ? ? ? WATSON-CRICK ?     ? ? 
hydrog10 hydrog ?    ? A DC  4 N3    ? ? ? 1_555 A DG  5 N1 ? ? A DC  4 A DG  5 7_556 ? ? ? ? ? ? WATSON-CRICK ?     ? ? 
hydrog11 hydrog ?    ? A DC  4 N4    ? ? ? 1_555 A DG  5 O6 ? ? A DC  4 A DG  5 7_556 ? ? ? ? ? ? WATSON-CRICK ?     ? ? 
hydrog12 hydrog ?    ? A DC  4 O2    ? ? ? 1_555 A DG  5 N2 ? ? A DC  4 A DG  5 7_556 ? ? ? ? ? ? WATSON-CRICK ?     ? ? 
hydrog13 hydrog ?    ? A DG  5 N1    ? ? ? 1_555 A DC  4 N3 ? ? A DG  5 A DC  4 7_556 ? ? ? ? ? ? WATSON-CRICK ?     ? ? 
hydrog14 hydrog ?    ? A DG  5 N2    ? ? ? 1_555 A DC  4 O2 ? ? A DG  5 A DC  4 7_556 ? ? ? ? ? ? WATSON-CRICK ?     ? ? 
hydrog15 hydrog ?    ? A DG  5 O6    ? ? ? 1_555 A DC  4 N4 ? ? A DG  5 A DC  4 7_556 ? ? ? ? ? ? WATSON-CRICK ?     ? ? 
hydrog16 hydrog ?    ? A 5CM 6 N3    ? ? ? 1_555 A DG  3 N1 ? ? A 5CM 6 A DG  3 7_556 ? ? ? ? ? ? WATSON-CRICK ?     ? ? 
hydrog17 hydrog ?    ? A 5CM 6 N4    ? ? ? 1_555 A DG  3 O6 ? ? A 5CM 6 A DG  3 7_556 ? ? ? ? ? ? WATSON-CRICK ?     ? ? 
hydrog18 hydrog ?    ? A 5CM 6 O2    ? ? ? 1_555 A DG  3 N2 ? ? A 5CM 6 A DG  3 7_556 ? ? ? ? ? ? WATSON-CRICK ?     ? ? 
hydrog19 hydrog ?    ? A DG  7 N1    ? ? ? 1_555 A 5CM 2 N3 ? ? A DG  7 A 5CM 2 7_556 ? ? ? ? ? ? WATSON-CRICK ?     ? ? 
hydrog20 hydrog ?    ? A DG  7 N2    ? ? ? 1_555 A 5CM 2 O2 ? ? A DG  7 A 5CM 2 7_556 ? ? ? ? ? ? WATSON-CRICK ?     ? ? 
hydrog21 hydrog ?    ? A DG  7 O6    ? ? ? 1_555 A 5CM 2 N4 ? ? A DG  7 A 5CM 2 7_556 ? ? ? ? ? ? WATSON-CRICK ?     ? ? 
hydrog22 hydrog ?    ? A DC  8 N3    ? ? ? 1_555 A DG  1 N1 ? ? A DC  8 A DG  1 7_556 ? ? ? ? ? ? WATSON-CRICK ?     ? ? 
hydrog23 hydrog ?    ? A DC  8 N4    ? ? ? 1_555 A DG  1 O6 ? ? A DC  8 A DG  1 7_556 ? ? ? ? ? ? WATSON-CRICK ?     ? ? 
hydrog24 hydrog ?    ? A DC  8 O2    ? ? ? 1_555 A DG  1 N2 ? ? A DC  8 A DG  1 7_556 ? ? ? ? ? ? WATSON-CRICK ?     ? ? 
# 
loop_
_struct_conn_type.id 
_struct_conn_type.criteria 
_struct_conn_type.reference 
covale ? ? 
hydrog ? ? 
# 
loop_
_pdbx_struct_mod_residue.id 
_pdbx_struct_mod_residue.label_asym_id 
_pdbx_struct_mod_residue.label_comp_id 
_pdbx_struct_mod_residue.label_seq_id 
_pdbx_struct_mod_residue.auth_asym_id 
_pdbx_struct_mod_residue.auth_comp_id 
_pdbx_struct_mod_residue.auth_seq_id 
_pdbx_struct_mod_residue.PDB_ins_code 
_pdbx_struct_mod_residue.parent_comp_id 
_pdbx_struct_mod_residue.details 
1 A 5CM 2 A 5CM 2 ? DC ? 
2 A 5CM 6 A 5CM 6 ? DC ? 
# 
_pdbx_struct_special_symmetry.id              1 
_pdbx_struct_special_symmetry.PDB_model_num   1 
_pdbx_struct_special_symmetry.auth_asym_id    A 
_pdbx_struct_special_symmetry.auth_comp_id    HOH 
_pdbx_struct_special_symmetry.auth_seq_id     14 
_pdbx_struct_special_symmetry.PDB_ins_code    ? 
_pdbx_struct_special_symmetry.label_asym_id   B 
_pdbx_struct_special_symmetry.label_comp_id   HOH 
_pdbx_struct_special_symmetry.label_seq_id    . 
# 
loop_
_chem_comp_atom.comp_id 
_chem_comp_atom.atom_id 
_chem_comp_atom.type_symbol 
_chem_comp_atom.pdbx_aromatic_flag 
_chem_comp_atom.pdbx_stereo_config 
_chem_comp_atom.pdbx_ordinal 
5CM N1     N N N 1   
5CM C2     C N N 2   
5CM N3     N N N 3   
5CM C4     C N N 4   
5CM C5     C N N 5   
5CM C5A    C N N 6   
5CM C6     C N N 7   
5CM O2     O N N 8   
5CM N4     N N N 9   
5CM "C1'"  C N R 10  
5CM "C2'"  C N N 11  
5CM "C3'"  C N S 12  
5CM "C4'"  C N R 13  
5CM "O4'"  O N N 14  
5CM "O3'"  O N N 15  
5CM "C5'"  C N N 16  
5CM "O5'"  O N N 17  
5CM P      P N N 18  
5CM OP1    O N N 19  
5CM OP2    O N N 20  
5CM OP3    O N N 21  
5CM H5A1   H N N 22  
5CM H5A2   H N N 23  
5CM H5A3   H N N 24  
5CM H6     H N N 25  
5CM HN41   H N N 26  
5CM HN42   H N N 27  
5CM "H1'"  H N N 28  
5CM "H2'"  H N N 29  
5CM "H2''" H N N 30  
5CM "H3'"  H N N 31  
5CM "H4'"  H N N 32  
5CM "HO3'" H N N 33  
5CM "H5'"  H N N 34  
5CM "H5''" H N N 35  
5CM HOP2   H N N 36  
5CM HOP3   H N N 37  
DC  OP3    O N N 38  
DC  P      P N N 39  
DC  OP1    O N N 40  
DC  OP2    O N N 41  
DC  "O5'"  O N N 42  
DC  "C5'"  C N N 43  
DC  "C4'"  C N R 44  
DC  "O4'"  O N N 45  
DC  "C3'"  C N S 46  
DC  "O3'"  O N N 47  
DC  "C2'"  C N N 48  
DC  "C1'"  C N R 49  
DC  N1     N N N 50  
DC  C2     C N N 51  
DC  O2     O N N 52  
DC  N3     N N N 53  
DC  C4     C N N 54  
DC  N4     N N N 55  
DC  C5     C N N 56  
DC  C6     C N N 57  
DC  HOP3   H N N 58  
DC  HOP2   H N N 59  
DC  "H5'"  H N N 60  
DC  "H5''" H N N 61  
DC  "H4'"  H N N 62  
DC  "H3'"  H N N 63  
DC  "HO3'" H N N 64  
DC  "H2'"  H N N 65  
DC  "H2''" H N N 66  
DC  "H1'"  H N N 67  
DC  H41    H N N 68  
DC  H42    H N N 69  
DC  H5     H N N 70  
DC  H6     H N N 71  
DG  OP3    O N N 72  
DG  P      P N N 73  
DG  OP1    O N N 74  
DG  OP2    O N N 75  
DG  "O5'"  O N N 76  
DG  "C5'"  C N N 77  
DG  "C4'"  C N R 78  
DG  "O4'"  O N N 79  
DG  "C3'"  C N S 80  
DG  "O3'"  O N N 81  
DG  "C2'"  C N N 82  
DG  "C1'"  C N R 83  
DG  N9     N Y N 84  
DG  C8     C Y N 85  
DG  N7     N Y N 86  
DG  C5     C Y N 87  
DG  C6     C N N 88  
DG  O6     O N N 89  
DG  N1     N N N 90  
DG  C2     C N N 91  
DG  N2     N N N 92  
DG  N3     N N N 93  
DG  C4     C Y N 94  
DG  HOP3   H N N 95  
DG  HOP2   H N N 96  
DG  "H5'"  H N N 97  
DG  "H5''" H N N 98  
DG  "H4'"  H N N 99  
DG  "H3'"  H N N 100 
DG  "HO3'" H N N 101 
DG  "H2'"  H N N 102 
DG  "H2''" H N N 103 
DG  "H1'"  H N N 104 
DG  H8     H N N 105 
DG  H1     H N N 106 
DG  H21    H N N 107 
DG  H22    H N N 108 
HOH O      O N N 109 
HOH H1     H N N 110 
HOH H2     H N N 111 
# 
loop_
_chem_comp_bond.comp_id 
_chem_comp_bond.atom_id_1 
_chem_comp_bond.atom_id_2 
_chem_comp_bond.value_order 
_chem_comp_bond.pdbx_aromatic_flag 
_chem_comp_bond.pdbx_stereo_config 
_chem_comp_bond.pdbx_ordinal 
5CM N1    C2     sing N N 1   
5CM N1    C6     sing N N 2   
5CM N1    "C1'"  sing N N 3   
5CM C2    N3     sing N N 4   
5CM C2    O2     doub N N 5   
5CM N3    C4     doub N N 6   
5CM C4    C5     sing N N 7   
5CM C4    N4     sing N N 8   
5CM C5    C5A    sing N N 9   
5CM C5    C6     doub N N 10  
5CM C5A   H5A1   sing N N 11  
5CM C5A   H5A2   sing N N 12  
5CM C5A   H5A3   sing N N 13  
5CM C6    H6     sing N N 14  
5CM N4    HN41   sing N N 15  
5CM N4    HN42   sing N N 16  
5CM "C1'" "C2'"  sing N N 17  
5CM "C1'" "O4'"  sing N N 18  
5CM "C1'" "H1'"  sing N N 19  
5CM "C2'" "C3'"  sing N N 20  
5CM "C2'" "H2'"  sing N N 21  
5CM "C2'" "H2''" sing N N 22  
5CM "C3'" "C4'"  sing N N 23  
5CM "C3'" "O3'"  sing N N 24  
5CM "C3'" "H3'"  sing N N 25  
5CM "C4'" "O4'"  sing N N 26  
5CM "C4'" "C5'"  sing N N 27  
5CM "C4'" "H4'"  sing N N 28  
5CM "O3'" "HO3'" sing N N 29  
5CM "C5'" "O5'"  sing N N 30  
5CM "C5'" "H5'"  sing N N 31  
5CM "C5'" "H5''" sing N N 32  
5CM "O5'" P      sing N N 33  
5CM P     OP1    doub N N 34  
5CM P     OP2    sing N N 35  
5CM P     OP3    sing N N 36  
5CM OP2   HOP2   sing N N 37  
5CM OP3   HOP3   sing N N 38  
DC  OP3   P      sing N N 39  
DC  OP3   HOP3   sing N N 40  
DC  P     OP1    doub N N 41  
DC  P     OP2    sing N N 42  
DC  P     "O5'"  sing N N 43  
DC  OP2   HOP2   sing N N 44  
DC  "O5'" "C5'"  sing N N 45  
DC  "C5'" "C4'"  sing N N 46  
DC  "C5'" "H5'"  sing N N 47  
DC  "C5'" "H5''" sing N N 48  
DC  "C4'" "O4'"  sing N N 49  
DC  "C4'" "C3'"  sing N N 50  
DC  "C4'" "H4'"  sing N N 51  
DC  "O4'" "C1'"  sing N N 52  
DC  "C3'" "O3'"  sing N N 53  
DC  "C3'" "C2'"  sing N N 54  
DC  "C3'" "H3'"  sing N N 55  
DC  "O3'" "HO3'" sing N N 56  
DC  "C2'" "C1'"  sing N N 57  
DC  "C2'" "H2'"  sing N N 58  
DC  "C2'" "H2''" sing N N 59  
DC  "C1'" N1     sing N N 60  
DC  "C1'" "H1'"  sing N N 61  
DC  N1    C2     sing N N 62  
DC  N1    C6     sing N N 63  
DC  C2    O2     doub N N 64  
DC  C2    N3     sing N N 65  
DC  N3    C4     doub N N 66  
DC  C4    N4     sing N N 67  
DC  C4    C5     sing N N 68  
DC  N4    H41    sing N N 69  
DC  N4    H42    sing N N 70  
DC  C5    C6     doub N N 71  
DC  C5    H5     sing N N 72  
DC  C6    H6     sing N N 73  
DG  OP3   P      sing N N 74  
DG  OP3   HOP3   sing N N 75  
DG  P     OP1    doub N N 76  
DG  P     OP2    sing N N 77  
DG  P     "O5'"  sing N N 78  
DG  OP2   HOP2   sing N N 79  
DG  "O5'" "C5'"  sing N N 80  
DG  "C5'" "C4'"  sing N N 81  
DG  "C5'" "H5'"  sing N N 82  
DG  "C5'" "H5''" sing N N 83  
DG  "C4'" "O4'"  sing N N 84  
DG  "C4'" "C3'"  sing N N 85  
DG  "C4'" "H4'"  sing N N 86  
DG  "O4'" "C1'"  sing N N 87  
DG  "C3'" "O3'"  sing N N 88  
DG  "C3'" "C2'"  sing N N 89  
DG  "C3'" "H3'"  sing N N 90  
DG  "O3'" "HO3'" sing N N 91  
DG  "C2'" "C1'"  sing N N 92  
DG  "C2'" "H2'"  sing N N 93  
DG  "C2'" "H2''" sing N N 94  
DG  "C1'" N9     sing N N 95  
DG  "C1'" "H1'"  sing N N 96  
DG  N9    C8     sing Y N 97  
DG  N9    C4     sing Y N 98  
DG  C8    N7     doub Y N 99  
DG  C8    H8     sing N N 100 
DG  N7    C5     sing Y N 101 
DG  C5    C6     sing N N 102 
DG  C5    C4     doub Y N 103 
DG  C6    O6     doub N N 104 
DG  C6    N1     sing N N 105 
DG  N1    C2     sing N N 106 
DG  N1    H1     sing N N 107 
DG  C2    N2     sing N N 108 
DG  C2    N3     doub N N 109 
DG  N2    H21    sing N N 110 
DG  N2    H22    sing N N 111 
DG  N3    C4     sing N N 112 
HOH O     H1     sing N N 113 
HOH O     H2     sing N N 114 
# 
_ndb_struct_conf_na.entry_id   339D 
_ndb_struct_conf_na.feature    'a-form double helix' 
# 
loop_
_ndb_struct_na_base_pair.model_number 
_ndb_struct_na_base_pair.i_label_asym_id 
_ndb_struct_na_base_pair.i_label_comp_id 
_ndb_struct_na_base_pair.i_label_seq_id 
_ndb_struct_na_base_pair.i_symmetry 
_ndb_struct_na_base_pair.j_label_asym_id 
_ndb_struct_na_base_pair.j_label_comp_id 
_ndb_struct_na_base_pair.j_label_seq_id 
_ndb_struct_na_base_pair.j_symmetry 
_ndb_struct_na_base_pair.shear 
_ndb_struct_na_base_pair.stretch 
_ndb_struct_na_base_pair.stagger 
_ndb_struct_na_base_pair.buckle 
_ndb_struct_na_base_pair.propeller 
_ndb_struct_na_base_pair.opening 
_ndb_struct_na_base_pair.pair_number 
_ndb_struct_na_base_pair.pair_name 
_ndb_struct_na_base_pair.i_auth_asym_id 
_ndb_struct_na_base_pair.i_auth_seq_id 
_ndb_struct_na_base_pair.i_PDB_ins_code 
_ndb_struct_na_base_pair.j_auth_asym_id 
_ndb_struct_na_base_pair.j_auth_seq_id 
_ndb_struct_na_base_pair.j_PDB_ins_code 
_ndb_struct_na_base_pair.hbond_type_28 
_ndb_struct_na_base_pair.hbond_type_12 
1 A DG  1 1_555 A DC  8 7_556 -0.599 -0.331 0.077  -1.031 -4.420  -2.532 1 A_DG1:DC8_A  A 1 ? A 8 ? 19 1 
1 A 5CM 2 1_555 A DG  7 7_556 0.409  -0.116 -0.121 5.968  -12.745 1.946  2 A_5CM2:DG7_A A 2 ? A 7 ? 19 1 
1 A DG  3 1_555 A 5CM 6 7_556 -0.337 -0.287 -0.153 -7.089 -12.193 2.408  3 A_DG3:5CM6_A A 3 ? A 6 ? 19 1 
1 A DC  4 1_555 A DG  5 7_556 0.142  -0.038 0.145  -1.263 -5.042  5.673  4 A_DC4:DG5_A  A 4 ? A 5 ? 19 1 
1 A DG  5 1_555 A DC  4 7_556 -0.142 -0.038 0.145  1.263  -5.042  5.673  5 A_DG5:DC4_A  A 5 ? A 4 ? 19 1 
1 A 5CM 6 1_555 A DG  3 7_556 0.337  -0.287 -0.153 7.089  -12.193 2.408  6 A_5CM6:DG3_A A 6 ? A 3 ? 19 1 
1 A DG  7 1_555 A 5CM 2 7_556 -0.409 -0.116 -0.121 -5.968 -12.745 1.946  7 A_DG7:5CM2_A A 7 ? A 2 ? 19 1 
1 A DC  8 1_555 A DG  1 7_556 0.599  -0.331 0.077  1.031  -4.420  -2.532 8 A_DC8:DG1_A  A 8 ? A 1 ? 19 1 
# 
loop_
_ndb_struct_na_base_pair_step.model_number 
_ndb_struct_na_base_pair_step.i_label_asym_id_1 
_ndb_struct_na_base_pair_step.i_label_comp_id_1 
_ndb_struct_na_base_pair_step.i_label_seq_id_1 
_ndb_struct_na_base_pair_step.i_symmetry_1 
_ndb_struct_na_base_pair_step.j_label_asym_id_1 
_ndb_struct_na_base_pair_step.j_label_comp_id_1 
_ndb_struct_na_base_pair_step.j_label_seq_id_1 
_ndb_struct_na_base_pair_step.j_symmetry_1 
_ndb_struct_na_base_pair_step.i_label_asym_id_2 
_ndb_struct_na_base_pair_step.i_label_comp_id_2 
_ndb_struct_na_base_pair_step.i_label_seq_id_2 
_ndb_struct_na_base_pair_step.i_symmetry_2 
_ndb_struct_na_base_pair_step.j_label_asym_id_2 
_ndb_struct_na_base_pair_step.j_label_comp_id_2 
_ndb_struct_na_base_pair_step.j_label_seq_id_2 
_ndb_struct_na_base_pair_step.j_symmetry_2 
_ndb_struct_na_base_pair_step.shift 
_ndb_struct_na_base_pair_step.slide 
_ndb_struct_na_base_pair_step.rise 
_ndb_struct_na_base_pair_step.tilt 
_ndb_struct_na_base_pair_step.roll 
_ndb_struct_na_base_pair_step.twist 
_ndb_struct_na_base_pair_step.x_displacement 
_ndb_struct_na_base_pair_step.y_displacement 
_ndb_struct_na_base_pair_step.helical_rise 
_ndb_struct_na_base_pair_step.inclination 
_ndb_struct_na_base_pair_step.tip 
_ndb_struct_na_base_pair_step.helical_twist 
_ndb_struct_na_base_pair_step.step_number 
_ndb_struct_na_base_pair_step.step_name 
_ndb_struct_na_base_pair_step.i_auth_asym_id_1 
_ndb_struct_na_base_pair_step.i_auth_seq_id_1 
_ndb_struct_na_base_pair_step.i_PDB_ins_code_1 
_ndb_struct_na_base_pair_step.j_auth_asym_id_1 
_ndb_struct_na_base_pair_step.j_auth_seq_id_1 
_ndb_struct_na_base_pair_step.j_PDB_ins_code_1 
_ndb_struct_na_base_pair_step.i_auth_asym_id_2 
_ndb_struct_na_base_pair_step.i_auth_seq_id_2 
_ndb_struct_na_base_pair_step.i_PDB_ins_code_2 
_ndb_struct_na_base_pair_step.j_auth_asym_id_2 
_ndb_struct_na_base_pair_step.j_auth_seq_id_2 
_ndb_struct_na_base_pair_step.j_PDB_ins_code_2 
1 A DG  1 1_555 A DC  8 7_556 A 5CM 2 1_555 A DG  7 7_556 0.221  -1.251 3.286 0.968  3.542  34.876 -2.600 -0.224 3.153 5.890  
-1.610 35.063 1 AA_DG15CM2:DG7DC8_AA  A 1 ? A 8 ? A 2 ? A 7 ? 
1 A 5CM 2 1_555 A DG  7 7_556 A DG  3 1_555 A 5CM 6 7_556 -0.073 -1.568 3.676 0.558  12.451 27.302 -5.668 0.260  2.716 24.804 
-1.111 29.963 2 AA_5CM2DG3:5CM6DG7_AA A 2 ? A 7 ? A 3 ? A 6 ? 
1 A DG  3 1_555 A 5CM 6 7_556 A DC  4 1_555 A DG  5 7_556 0.230  -1.484 3.193 -1.711 0.806  38.867 -2.323 -0.546 3.151 1.210  
2.569  38.911 3 AA_DG3DC4:DG55CM6_AA  A 3 ? A 6 ? A 4 ? A 5 ? 
1 A DC  4 1_555 A DG  5 7_556 A DG  5 1_555 A DC  4 7_556 0.000  -1.929 3.376 0.000  2.888  20.887 -6.472 0.000  3.084 7.917  
0.000  21.083 4 AA_DC4DG5:DC4DG5_AA   A 4 ? A 5 ? A 5 ? A 4 ? 
1 A DG  5 1_555 A DC  4 7_556 A 5CM 6 1_555 A DG  3 7_556 -0.230 -1.484 3.193 1.711  0.806  38.867 -2.323 0.546  3.151 1.210  
-2.569 38.911 5 AA_DG55CM6:DG3DC4_AA  A 5 ? A 4 ? A 6 ? A 3 ? 
1 A 5CM 6 1_555 A DG  3 7_556 A DG  7 1_555 A 5CM 2 7_556 0.073  -1.568 3.676 -0.558 12.451 27.302 -5.668 -0.260 2.716 24.804 
1.111  29.963 6 AA_5CM6DG7:5CM2DG3_AA A 6 ? A 3 ? A 7 ? A 2 ? 
1 A DG  7 1_555 A 5CM 2 7_556 A DC  8 1_555 A DG  1 7_556 -0.221 -1.251 3.286 -0.968 3.542  34.876 -2.600 0.224  3.153 5.890  
1.610  35.063 7 AA_DG7DC8:DG15CM2_AA  A 7 ? A 2 ? A 8 ? A 1 ? 
# 
_atom_sites.entry_id                    339D 
_atom_sites.fract_transf_matrix[1][1]   0.00196832 
_atom_sites.fract_transf_matrix[1][2]   -0.00591564 
_atom_sites.fract_transf_matrix[1][3]   -0.02224797 
_atom_sites.fract_transf_matrix[2][1]   -0.02301384 
_atom_sites.fract_transf_matrix[2][2]   0.00005132 
_atom_sites.fract_transf_matrix[2][3]   -0.00204973 
_atom_sites.fract_transf_matrix[3][1]   0.00098309 
_atom_sites.fract_transf_matrix[3][2]   0.03823839 
_atom_sites.fract_transf_matrix[3][3]   -0.01008044 
_atom_sites.fract_transf_vector[1]      0.764412 
_atom_sites.fract_transf_vector[2]      0.783979 
_atom_sites.fract_transf_vector[3]      0.594745 
# 
loop_
_atom_type.symbol 
C 
N 
O 
P 
# 
loop_
_atom_site.group_PDB 
_atom_site.id 
_atom_site.type_symbol 
_atom_site.label_atom_id 
_atom_site.label_alt_id 
_atom_site.label_comp_id 
_atom_site.label_asym_id 
_atom_site.label_entity_id 
_atom_site.label_seq_id 
_atom_site.pdbx_PDB_ins_code 
_atom_site.Cartn_x 
_atom_site.Cartn_y 
_atom_site.Cartn_z 
_atom_site.occupancy 
_atom_site.B_iso_or_equiv 
_atom_site.pdbx_formal_charge 
_atom_site.auth_seq_id 
_atom_site.auth_comp_id 
_atom_site.auth_asym_id 
_atom_site.auth_atom_id 
_atom_site.pdbx_PDB_model_num 
ATOM   1   O "O5'" . DG  A 1 1 ? -11.548 -8.472 -1.467 1.00 22.46 ? 1  DG  A "O5'" 1 
ATOM   2   C "C5'" . DG  A 1 1 ? -12.778 -7.879 -1.918 1.00 18.14 ? 1  DG  A "C5'" 1 
ATOM   3   C "C4'" . DG  A 1 1 ? -13.456 -6.881 -1.005 1.00 19.88 ? 1  DG  A "C4'" 1 
ATOM   4   O "O4'" . DG  A 1 1 ? -13.586 -7.385 0.345  1.00 18.75 ? 1  DG  A "O4'" 1 
ATOM   5   C "C3'" . DG  A 1 1 ? -12.732 -5.548 -0.862 1.00 17.75 ? 1  DG  A "C3'" 1 
ATOM   6   O "O3'" . DG  A 1 1 ? -13.156 -4.664 -1.901 1.00 25.60 ? 1  DG  A "O3'" 1 
ATOM   7   C "C2'" . DG  A 1 1 ? -13.204 -5.057 0.492  1.00 16.70 ? 1  DG  A "C2'" 1 
ATOM   8   C "C1'" . DG  A 1 1 ? -13.344 -6.343 1.282  1.00 14.83 ? 1  DG  A "C1'" 1 
ATOM   9   N N9    . DG  A 1 1 ? -12.150 -6.711 2.024  1.00 21.70 ? 1  DG  A N9    1 
ATOM   10  C C8    . DG  A 1 1 ? -11.257 -7.704 1.704  1.00 20.66 ? 1  DG  A C8    1 
ATOM   11  N N7    . DG  A 1 1 ? -10.294 -7.828 2.577  1.00 22.97 ? 1  DG  A N7    1 
ATOM   12  C C5    . DG  A 1 1 ? -10.559 -6.845 3.524  1.00 22.76 ? 1  DG  A C5    1 
ATOM   13  C C6    . DG  A 1 1 ? -9.875  -6.495 4.738  1.00 27.69 ? 1  DG  A C6    1 
ATOM   14  O O6    . DG  A 1 1 ? -8.819  -6.961 5.220  1.00 29.40 ? 1  DG  A O6    1 
ATOM   15  N N1    . DG  A 1 1 ? -10.538 -5.479 5.409  1.00 25.78 ? 1  DG  A N1    1 
ATOM   16  C C2    . DG  A 1 1 ? -11.681 -4.869 4.986  1.00 21.37 ? 1  DG  A C2    1 
ATOM   17  N N2    . DG  A 1 1 ? -12.146 -3.914 5.775  1.00 23.59 ? 1  DG  A N2    1 
ATOM   18  N N3    . DG  A 1 1 ? -12.319 -5.164 3.875  1.00 22.96 ? 1  DG  A N3    1 
ATOM   19  C C4    . DG  A 1 1 ? -11.706 -6.152 3.195  1.00 22.03 ? 1  DG  A C4    1 
HETATM 20  N N1    . 5CM A 1 2 ? -10.293 -2.560 2.416  1.00 19.61 ? 2  5CM A N1    1 
HETATM 21  C C2    . 5CM A 1 2 ? -9.502  -2.600 3.555  1.00 20.65 ? 2  5CM A C2    1 
HETATM 22  N N3    . 5CM A 1 2 ? -8.480  -3.474 3.625  1.00 17.82 ? 2  5CM A N3    1 
HETATM 23  C C4    . 5CM A 1 2 ? -8.238  -4.285 2.602  1.00 15.44 ? 2  5CM A C4    1 
HETATM 24  C C5    . 5CM A 1 2 ? -9.038  -4.277 1.430  1.00 17.44 ? 2  5CM A C5    1 
HETATM 25  C C5A   . 5CM A 1 2 ? -8.717  -5.232 0.327  1.00 19.73 ? 2  5CM A C5A   1 
HETATM 26  C C6    . 5CM A 1 2 ? -10.049 -3.409 1.376  1.00 13.77 ? 2  5CM A C6    1 
HETATM 27  O O2    . 5CM A 1 2 ? -9.759  -1.829 4.475  1.00 22.05 ? 2  5CM A O2    1 
HETATM 28  N N4    . 5CM A 1 2 ? -7.204  -5.110 2.695  1.00 18.78 ? 2  5CM A N4    1 
HETATM 29  C "C1'" . 5CM A 1 2 ? -11.385 -1.595 2.367  1.00 18.91 ? 2  5CM A "C1'" 1 
HETATM 30  C "C2'" . 5CM A 1 2 ? -10.946 -0.201 1.932  1.00 23.18 ? 2  5CM A "C2'" 1 
HETATM 31  C "C3'" . 5CM A 1 2 ? -11.183 -0.267 0.437  1.00 24.36 ? 2  5CM A "C3'" 1 
HETATM 32  C "C4'" . 5CM A 1 2 ? -12.490 -1.040 0.392  1.00 25.64 ? 2  5CM A "C4'" 1 
HETATM 33  O "O4'" . 5CM A 1 2 ? -12.327 -2.057 1.404  1.00 25.03 ? 2  5CM A "O4'" 1 
HETATM 34  O "O3'" . 5CM A 1 2 ? -11.357 1.032  -0.136 1.00 33.77 ? 2  5CM A "O3'" 1 
HETATM 35  C "C5'" . 5CM A 1 2 ? -12.825 -1.657 -0.942 1.00 25.49 ? 2  5CM A "C5'" 1 
HETATM 36  O "O5'" . 5CM A 1 2 ? -11.869 -2.645 -1.277 1.00 28.40 ? 2  5CM A "O5'" 1 
HETATM 37  P P     . 5CM A 1 2 ? -12.115 -3.612 -2.509 1.00 27.84 ? 2  5CM A P     1 
HETATM 38  O OP1   . 5CM A 1 2 ? -12.691 -2.804 -3.616 1.00 36.38 ? 2  5CM A OP1   1 
HETATM 39  O OP2   . 5CM A 1 2 ? -10.871 -4.391 -2.757 1.00 33.48 ? 2  5CM A OP2   1 
ATOM   40  P P     . DG  A 1 3 ? -10.073 1.849  -0.655 1.00 33.71 ? 3  DG  A P     1 
ATOM   41  O OP1   . DG  A 1 3 ? -10.535 3.139  -1.205 1.00 38.34 ? 3  DG  A OP1   1 
ATOM   42  O OP2   . DG  A 1 3 ? -9.224  0.954  -1.482 1.00 34.90 ? 3  DG  A OP2   1 
ATOM   43  O "O5'" . DG  A 1 3 ? -9.271  2.160  0.680  1.00 31.38 ? 3  DG  A "O5'" 1 
ATOM   44  C "C5'" . DG  A 1 3 ? -9.484  3.374  1.366  1.00 27.25 ? 3  DG  A "C5'" 1 
ATOM   45  C "C4'" . DG  A 1 3 ? -8.652  3.396  2.619  1.00 28.18 ? 3  DG  A "C4'" 1 
ATOM   46  O "O4'" . DG  A 1 3 ? -8.621  2.063  3.161  1.00 28.78 ? 3  DG  A "O4'" 1 
ATOM   47  C "C3'" . DG  A 1 3 ? -7.185  3.721  2.401  1.00 30.02 ? 3  DG  A "C3'" 1 
ATOM   48  O "O3'" . DG  A 1 3 ? -6.969  5.132  2.356  1.00 32.29 ? 3  DG  A "O3'" 1 
ATOM   49  C "C2'" . DG  A 1 3 ? -6.563  3.132  3.647  1.00 27.40 ? 3  DG  A "C2'" 1 
ATOM   50  C "C1'" . DG  A 1 3 ? -7.399  1.883  3.855  1.00 24.24 ? 3  DG  A "C1'" 1 
ATOM   51  N N9    . DG  A 1 3 ? -6.776  0.693  3.328  1.00 20.48 ? 3  DG  A N9    1 
ATOM   52  C C8    . DG  A 1 3 ? -7.117  -0.027 2.212  1.00 15.99 ? 3  DG  A C8    1 
ATOM   53  N N7    . DG  A 1 3 ? -6.380  -1.095 2.052  1.00 22.31 ? 3  DG  A N7    1 
ATOM   54  C C5    . DG  A 1 3 ? -5.491  -1.058 3.127  1.00 18.66 ? 3  DG  A C5    1 
ATOM   55  C C6    . DG  A 1 3 ? -4.410  -1.919 3.486  1.00 17.52 ? 3  DG  A C6    1 
ATOM   56  O O6    . DG  A 1 3 ? -4.022  -2.958 2.940  1.00 23.98 ? 3  DG  A O6    1 
ATOM   57  N N1    . DG  A 1 3 ? -3.749  -1.457 4.611  1.00 17.19 ? 3  DG  A N1    1 
ATOM   58  C C2    . DG  A 1 3 ? -4.074  -0.320 5.295  1.00 16.52 ? 3  DG  A C2    1 
ATOM   59  N N2    . DG  A 1 3 ? -3.322  -0.026 6.336  1.00 18.88 ? 3  DG  A N2    1 
ATOM   60  N N3    . DG  A 1 3 ? -5.055  0.480  4.983  1.00 18.28 ? 3  DG  A N3    1 
ATOM   61  C C4    . DG  A 1 3 ? -5.720  0.053  3.902  1.00 19.02 ? 3  DG  A C4    1 
ATOM   62  P P     . DC  A 1 4 ? -5.640  5.700  1.653  1.00 31.90 ? 4  DC  A P     1 
ATOM   63  O OP1   . DC  A 1 4 ? -5.643  7.185  1.759  1.00 35.73 ? 4  DC  A OP1   1 
ATOM   64  O OP2   . DC  A 1 4 ? -5.591  5.055  0.310  1.00 33.58 ? 4  DC  A OP2   1 
ATOM   65  O "O5'" . DC  A 1 4 ? -4.453  5.162  2.572  1.00 31.77 ? 4  DC  A "O5'" 1 
ATOM   66  C "C5'" . DC  A 1 4 ? -4.272  5.680  3.896  1.00 28.57 ? 4  DC  A "C5'" 1 
ATOM   67  C "C4'" . DC  A 1 4 ? -3.018  5.128  4.538  1.00 26.74 ? 4  DC  A "C4'" 1 
ATOM   68  O "O4'" . DC  A 1 4 ? -3.129  3.722  4.831  1.00 21.03 ? 4  DC  A "O4'" 1 
ATOM   69  C "C3'" . DC  A 1 4 ? -1.752  5.255  3.707  1.00 24.10 ? 4  DC  A "C3'" 1 
ATOM   70  O "O3'" . DC  A 1 4 ? -1.215  6.564  3.877  1.00 28.13 ? 4  DC  A "O3'" 1 
ATOM   71  C "C2'" . DC  A 1 4 ? -0.861  4.208  4.341  1.00 22.88 ? 4  DC  A "C2'" 1 
ATOM   72  C "C1'" . DC  A 1 4 ? -1.853  3.109  4.673  1.00 22.25 ? 4  DC  A "C1'" 1 
ATOM   73  N N1    . DC  A 1 4 ? -1.981  2.099  3.650  1.00 21.19 ? 4  DC  A N1    1 
ATOM   74  C C2    . DC  A 1 4 ? -1.144  0.984  3.693  1.00 20.80 ? 4  DC  A C2    1 
ATOM   75  O O2    . DC  A 1 4 ? -0.274  0.925  4.570  1.00 24.66 ? 4  DC  A O2    1 
ATOM   76  N N3    . DC  A 1 4 ? -1.298  0.002  2.773  1.00 22.03 ? 4  DC  A N3    1 
ATOM   77  C C4    . DC  A 1 4 ? -2.238  0.118  1.833  1.00 19.86 ? 4  DC  A C4    1 
ATOM   78  N N4    . DC  A 1 4 ? -2.369  -0.892 0.965  1.00 15.76 ? 4  DC  A N4    1 
ATOM   79  C C5    . DC  A 1 4 ? -3.089  1.265  1.746  1.00 16.12 ? 4  DC  A C5    1 
ATOM   80  C C6    . DC  A 1 4 ? -2.928  2.223  2.670  1.00 21.71 ? 4  DC  A C6    1 
ATOM   81  P P     . DG  A 1 5 ? 0.002   7.037  2.952  1.00 28.34 ? 5  DG  A P     1 
ATOM   82  O OP1   . DG  A 1 5 ? 0.383   8.426  3.333  1.00 34.35 ? 5  DG  A OP1   1 
ATOM   83  O OP2   . DG  A 1 5 ? -0.389  6.717  1.556  1.00 28.38 ? 5  DG  A OP2   1 
ATOM   84  O "O5'" . DG  A 1 5 ? 1.154   6.052  3.403  1.00 25.89 ? 5  DG  A "O5'" 1 
ATOM   85  C "C5'" . DG  A 1 5 ? 2.302   5.815  2.625  1.00 22.68 ? 5  DG  A "C5'" 1 
ATOM   86  C "C4'" . DG  A 1 5 ? 3.127   4.761  3.319  1.00 23.57 ? 5  DG  A "C4'" 1 
ATOM   87  O "O4'" . DG  A 1 5 ? 2.269   3.633  3.575  1.00 21.33 ? 5  DG  A "O4'" 1 
ATOM   88  C "C3'" . DG  A 1 5 ? 4.305   4.192  2.543  1.00 24.72 ? 5  DG  A "C3'" 1 
ATOM   89  O "O3'" . DG  A 1 5 ? 5.434   5.005  2.836  1.00 24.85 ? 5  DG  A "O3'" 1 
ATOM   90  C "C2'" . DG  A 1 5 ? 4.459   2.837  3.201  1.00 21.06 ? 5  DG  A "C2'" 1 
ATOM   91  C "C1'" . DG  A 1 5 ? 3.006   2.437  3.412  1.00 20.67 ? 5  DG  A "C1'" 1 
ATOM   92  N N9    . DG  A 1 5 ? 2.441   1.755  2.270  1.00 18.62 ? 5  DG  A N9    1 
ATOM   93  C C8    . DG  A 1 5 ? 1.412   2.199  1.473  1.00 13.03 ? 5  DG  A C8    1 
ATOM   94  N N7    . DG  A 1 5 ? 1.091   1.342  0.540  1.00 19.48 ? 5  DG  A N7    1 
ATOM   95  C C5    . DG  A 1 5 ? 1.960   0.263  0.736  1.00 13.49 ? 5  DG  A C5    1 
ATOM   96  C C6    . DG  A 1 5 ? 2.064   -0.990 0.068  1.00 12.83 ? 5  DG  A C6    1 
ATOM   97  O O6    . DG  A 1 5 ? 1.378   -1.435 -0.867 1.00 20.37 ? 5  DG  A O6    1 
ATOM   98  N N1    . DG  A 1 5 ? 3.089   -1.769 0.597  1.00 13.76 ? 5  DG  A N1    1 
ATOM   99  C C2    . DG  A 1 5 ? 3.903   -1.400 1.632  1.00 12.20 ? 5  DG  A C2    1 
ATOM   100 N N2    . DG  A 1 5 ? 4.832   -2.283 2.006  1.00 9.84  ? 5  DG  A N2    1 
ATOM   101 N N3    . DG  A 1 5 ? 3.820   -0.255 2.263  1.00 13.31 ? 5  DG  A N3    1 
ATOM   102 C C4    . DG  A 1 5 ? 2.823   0.520  1.778  1.00 17.00 ? 5  DG  A C4    1 
HETATM 103 N N1    . 5CM A 1 6 ? 6.826   0.198  0.275  1.00 13.27 ? 6  5CM A N1    1 
HETATM 104 C C2    . 5CM A 1 6 ? 6.562   -0.920 -0.477 1.00 14.88 ? 6  5CM A C2    1 
HETATM 105 N N3    . 5CM A 1 6 ? 5.585   -0.890 -1.408 1.00 9.21  ? 6  5CM A N3    1 
HETATM 106 C C4    . 5CM A 1 6 ? 4.888   0.226  -1.591 1.00 7.81  ? 6  5CM A C4    1 
HETATM 107 C C5    . 5CM A 1 6 ? 5.145   1.409  -0.832 1.00 6.23  ? 6  5CM A C5    1 
HETATM 108 C C5A   . 5CM A 1 6 ? 4.337   2.647  -1.070 1.00 7.06  ? 6  5CM A C5A   1 
HETATM 109 C C6    . 5CM A 1 6 ? 6.120   1.351  0.076  1.00 12.91 ? 6  5CM A C6    1 
HETATM 110 O O2    . 5CM A 1 6 ? 7.236   -1.926 -0.267 1.00 22.50 ? 6  5CM A O2    1 
HETATM 111 N N4    . 5CM A 1 6 ? 3.935   0.199  -2.516 1.00 12.30 ? 6  5CM A N4    1 
HETATM 112 C "C1'" . 5CM A 1 6 ? 7.867   0.121  1.282  1.00 16.31 ? 6  5CM A "C1'" 1 
HETATM 113 C "C2'" . 5CM A 1 6 ? 9.247   0.455  0.729  1.00 19.82 ? 6  5CM A "C2'" 1 
HETATM 114 C "C3'" . 5CM A 1 6 ? 9.266   1.958  0.941  1.00 23.48 ? 6  5CM A "C3'" 1 
HETATM 115 C "C4'" . 5CM A 1 6 ? 8.639   2.070  2.321  1.00 18.42 ? 6  5CM A "C4'" 1 
HETATM 116 O "O4'" . 5CM A 1 6 ? 7.569   1.102  2.279  1.00 18.77 ? 6  5CM A "O4'" 1 
HETATM 117 O "O3'" . 5CM A 1 6 ? 10.585  2.485  0.978  1.00 29.70 ? 6  5CM A "O3'" 1 
HETATM 118 C "C5'" . 5CM A 1 6 ? 8.095   3.438  2.642  1.00 18.27 ? 6  5CM A "C5'" 1 
HETATM 119 O "O5'" . 5CM A 1 6 ? 7.275   3.900  1.577  1.00 19.85 ? 6  5CM A "O5'" 1 
HETATM 120 P P     . 5CM A 1 6 ? 6.524   5.295  1.708  1.00 24.80 ? 6  5CM A P     1 
HETATM 121 O OP1   . 5CM A 1 6 ? 7.440   6.262  2.335  1.00 30.88 ? 6  5CM A OP1   1 
HETATM 122 O OP2   . 5CM A 1 6 ? 5.827   5.659  0.432  1.00 23.96 ? 6  5CM A OP2   1 
ATOM   123 P P     . DG  A 1 7 ? 11.271  3.033  -0.365 1.00 29.43 ? 7  DG  A P     1 
ATOM   124 O OP1   . DG  A 1 7 ? 12.553  3.580  0.125  1.00 37.10 ? 7  DG  A OP1   1 
ATOM   125 O OP2   . DG  A 1 7 ? 10.336  3.914  -1.120 1.00 30.82 ? 7  DG  A OP2   1 
ATOM   126 O "O5'" . DG  A 1 7 ? 11.547  1.714  -1.220 1.00 29.35 ? 7  DG  A "O5'" 1 
ATOM   127 C "C5'" . DG  A 1 7 ? 12.479  0.735  -0.779 1.00 20.13 ? 7  DG  A "C5'" 1 
ATOM   128 C "C4'" . DG  A 1 7 ? 12.348  -0.518 -1.610 1.00 20.92 ? 7  DG  A "C4'" 1 
ATOM   129 O "O4'" . DG  A 1 7 ? 10.978  -0.939 -1.574 1.00 20.87 ? 7  DG  A "O4'" 1 
ATOM   130 C "C3'" . DG  A 1 7 ? 12.630  -0.364 -3.096 1.00 23.45 ? 7  DG  A "C3'" 1 
ATOM   131 O "O3'" . DG  A 1 7 ? 14.025  -0.492 -3.345 1.00 28.57 ? 7  DG  A "O3'" 1 
ATOM   132 C "C2'" . DG  A 1 7 ? 11.897  -1.559 -3.669 1.00 18.73 ? 7  DG  A "C2'" 1 
ATOM   133 C "C1'" . DG  A 1 7 ? 10.667  -1.618 -2.782 1.00 18.15 ? 7  DG  A "C1'" 1 
ATOM   134 N N9    . DG  A 1 7 ? 9.515   -0.952 -3.355 1.00 17.63 ? 7  DG  A N9    1 
ATOM   135 C C8    . DG  A 1 7 ? 8.960   0.244  -2.967 1.00 8.58  ? 7  DG  A C8    1 
ATOM   136 N N7    . DG  A 1 7 ? 7.882   0.543  -3.643 1.00 11.67 ? 7  DG  A N7    1 
ATOM   137 C C5    . DG  A 1 7 ? 7.730   -0.515 -4.537 1.00 13.77 ? 7  DG  A C5    1 
ATOM   138 C C6    . DG  A 1 7 ? 6.720   -0.779 -5.512 1.00 13.94 ? 7  DG  A C6    1 
ATOM   139 O O6    . DG  A 1 7 ? 5.742   -0.095 -5.818 1.00 18.31 ? 7  DG  A O6    1 
ATOM   140 N N1    . DG  A 1 7 ? 6.950   -1.979 -6.167 1.00 14.23 ? 7  DG  A N1    1 
ATOM   141 C C2    . DG  A 1 7 ? 8.017   -2.807 -5.929 1.00 16.11 ? 7  DG  A C2    1 
ATOM   142 N N2    . DG  A 1 7 ? 8.087   -3.905 -6.654 1.00 15.73 ? 7  DG  A N2    1 
ATOM   143 N N3    . DG  A 1 7 ? 8.955   -2.578 -5.043 1.00 19.21 ? 7  DG  A N3    1 
ATOM   144 C C4    . DG  A 1 7 ? 8.746   -1.427 -4.382 1.00 12.68 ? 7  DG  A C4    1 
ATOM   145 P P     . DC  A 1 8 ? 14.677  0.219  -4.628 1.00 27.88 ? 8  DC  A P     1 
ATOM   146 O OP1   . DC  A 1 8 ? 16.113  0.003  -4.382 1.00 32.32 ? 8  DC  A OP1   1 
ATOM   147 O OP2   . DC  A 1 8 ? 14.153  1.578  -4.873 1.00 28.84 ? 8  DC  A OP2   1 
ATOM   148 O "O5'" . DC  A 1 8 ? 14.210  -0.659 -5.861 1.00 27.56 ? 8  DC  A "O5'" 1 
ATOM   149 C "C5'" . DC  A 1 8 ? 14.290  -2.072 -5.810 1.00 34.49 ? 8  DC  A "C5'" 1 
ATOM   150 C "C4'" . DC  A 1 8 ? 13.688  -2.650 -7.068 1.00 35.90 ? 8  DC  A "C4'" 1 
ATOM   151 O "O4'" . DC  A 1 8 ? 12.266  -2.388 -7.029 1.00 34.81 ? 8  DC  A "O4'" 1 
ATOM   152 C "C3'" . DC  A 1 8 ? 14.237  -1.970 -8.323 1.00 35.08 ? 8  DC  A "C3'" 1 
ATOM   153 O "O3'" . DC  A 1 8 ? 14.953  -2.825 -9.222 1.00 43.11 ? 8  DC  A "O3'" 1 
ATOM   154 C "C2'" . DC  A 1 8 ? 13.044  -1.275 -8.948 1.00 35.67 ? 8  DC  A "C2'" 1 
ATOM   155 C "C1'" . DC  A 1 8 ? 11.831  -1.900 -8.285 1.00 31.61 ? 8  DC  A "C1'" 1 
ATOM   156 N N1    . DC  A 1 8 ? 10.740  -0.914 -8.057 1.00 25.03 ? 8  DC  A N1    1 
ATOM   157 C C2    . DC  A 1 8 ? 9.583   -1.012 -8.834 1.00 18.19 ? 8  DC  A C2    1 
ATOM   158 O O2    . DC  A 1 8 ? 9.490   -1.933 -9.657 1.00 18.07 ? 8  DC  A O2    1 
ATOM   159 N N3    . DC  A 1 8 ? 8.606   -0.109 -8.679 1.00 16.53 ? 8  DC  A N3    1 
ATOM   160 C C4    . DC  A 1 8 ? 8.747   0.877  -7.806 1.00 16.89 ? 8  DC  A C4    1 
ATOM   161 N N4    . DC  A 1 8 ? 7.760   1.758  -7.718 1.00 16.94 ? 8  DC  A N4    1 
ATOM   162 C C5    . DC  A 1 8 ? 9.907   1.003  -6.985 1.00 21.58 ? 8  DC  A C5    1 
ATOM   163 C C6    . DC  A 1 8 ? 10.870  0.084  -7.131 1.00 19.39 ? 8  DC  A C6    1 
HETATM 164 O O     . HOH B 2 . ? 7.878   4.591  -1.457 1.00 32.71 ? 9  HOH A O     1 
HETATM 165 O O     . HOH B 2 . ? 17.592  -2.335 -4.125 1.00 41.29 ? 10 HOH A O     1 
HETATM 166 O O     . HOH B 2 . ? 4.699   2.269  -4.846 1.00 52.45 ? 11 HOH A O     1 
HETATM 167 O O     . HOH B 2 . ? 7.083   2.958  -3.489 1.00 20.10 ? 12 HOH A O     1 
HETATM 168 O O     . HOH B 2 . ? -6.833  -8.619 4.484  1.00 45.81 ? 13 HOH A O     1 
HETATM 169 O O     . HOH B 2 . ? 4.924   -1.165 5.466  0.50 30.45 ? 14 HOH A O     1 
HETATM 170 O O     . HOH B 2 . ? -13.707 -5.286 -5.808 1.00 40.69 ? 15 HOH A O     1 
HETATM 171 O O     . HOH B 2 . ? -4.108  -4.442 0.900  1.00 57.97 ? 16 HOH A O     1 
HETATM 172 O O     . HOH B 2 . ? -5.974  1.452  -1.139 1.00 47.08 ? 17 HOH A O     1 
HETATM 173 O O     . HOH B 2 . ? -8.773  7.587  3.376  1.00 54.00 ? 18 HOH A O     1 
HETATM 174 O O     . HOH B 2 . ? -7.338  9.390  0.555  1.00 46.29 ? 19 HOH A O     1 
HETATM 175 O O     . HOH B 2 . ? 11.469  3.637  -5.195 1.00 38.88 ? 20 HOH A O     1 
HETATM 176 O O     . HOH B 2 . ? -8.263  -9.658 1.352  1.00 52.98 ? 21 HOH A O     1 
HETATM 177 O O     . HOH B 2 . ? 4.429   5.270  -4.112 1.00 64.07 ? 22 HOH A O     1 
HETATM 178 O O     . HOH B 2 . ? -4.785  11.102 -0.751 1.00 73.61 ? 23 HOH A O     1 
# 
